data_4YQI
#
_entry.id   4YQI
#
_cell.length_a   93.885
_cell.length_b   93.885
_cell.length_c   178.913
_cell.angle_alpha   90.000
_cell.angle_beta   90.000
_cell.angle_gamma   120.000
#
_symmetry.space_group_name_H-M   'H 3 2'
#
loop_
_entity.id
_entity.type
_entity.pdbx_description
1 polymer 'tRNA (guanine-N(1)-)-methyltransferase'
2 non-polymer (4-amino-1,2,5-oxadiazol-3-yl)[4-(pyridin-2-ylmethyl)piperazin-1-yl]methanone
3 water water
#
_entity_poly.entity_id   1
_entity_poly.type   'polypeptide(L)'
_entity_poly.pdbx_seq_one_letter_code
;GLVPRGSHMWIGVISLFPEMFKAITEFGVTGRAVKHNLLKVECWNPRDFTFDKHKTVDDRPYGGGPGMLMMVQPLRDAIH
TAKAAAGEGAKVIYLSPQGRKLDQGGVTELAQNQKLILVCGRYEGIDERLIQTEIDEEWSIGDYVLTGGELPAMTLIDAV
ARFIPGVLGKQASAEEDSFADGLLDCPHYTRPEVLEGLTVPPVLMSGHHEEIRKWRLKQSLQRTWLRRPELLEGLALTDE
QRKLLKEAQAEHNS
;
_entity_poly.pdbx_strand_id   A
#
# COMPACT_ATOMS: atom_id res chain seq x y z
N GLY A 6 -8.47 1.27 -19.53
CA GLY A 6 -8.00 -0.08 -19.84
C GLY A 6 -8.34 -1.03 -18.70
N SER A 7 -7.32 -1.45 -17.96
CA SER A 7 -7.53 -2.16 -16.72
C SER A 7 -7.78 -1.15 -15.59
N HIS A 8 -8.67 -0.20 -15.88
CA HIS A 8 -9.04 0.82 -14.89
C HIS A 8 -9.56 0.19 -13.63
N MET A 9 -9.45 0.95 -12.55
CA MET A 9 -9.75 0.43 -11.23
C MET A 9 -10.71 1.38 -10.54
N TRP A 10 -11.69 0.81 -9.85
CA TRP A 10 -12.64 1.60 -9.09
C TRP A 10 -12.48 1.27 -7.62
N ILE A 11 -12.29 2.28 -6.79
CA ILE A 11 -12.12 2.04 -5.37
C ILE A 11 -13.11 2.89 -4.60
N GLY A 12 -14.03 2.20 -3.92
CA GLY A 12 -14.97 2.84 -3.03
C GLY A 12 -14.33 2.94 -1.65
N VAL A 13 -14.59 4.04 -0.97
CA VAL A 13 -13.99 4.28 0.34
C VAL A 13 -15.07 4.65 1.34
N ILE A 14 -15.02 4.04 2.52
CA ILE A 14 -15.92 4.41 3.60
C ILE A 14 -15.08 5.12 4.67
N SER A 15 -15.34 6.40 4.90
CA SER A 15 -14.49 7.17 5.80
C SER A 15 -15.22 8.33 6.42
N LEU A 16 -14.95 8.56 7.71
CA LEU A 16 -15.45 9.75 8.39
C LEU A 16 -14.69 11.02 7.98
N PHE A 17 -13.59 10.86 7.25
CA PHE A 17 -12.79 11.99 6.80
C PHE A 17 -12.46 11.91 5.31
N PRO A 18 -13.49 11.93 4.45
CA PRO A 18 -13.28 11.76 3.01
C PRO A 18 -12.30 12.81 2.42
N GLU A 19 -12.22 13.98 3.02
CA GLU A 19 -11.37 15.03 2.47
C GLU A 19 -9.89 14.68 2.58
N MET A 20 -9.54 13.75 3.46
CA MET A 20 -8.15 13.27 3.51
C MET A 20 -7.70 12.69 2.17
N PHE A 21 -8.63 12.09 1.42
CA PHE A 21 -8.26 11.40 0.19
C PHE A 21 -7.92 12.36 -0.96
N LYS A 22 -8.16 13.64 -0.75
CA LYS A 22 -7.63 14.64 -1.69
C LYS A 22 -6.11 14.52 -1.81
N ALA A 23 -5.44 14.00 -0.79
CA ALA A 23 -3.97 13.87 -0.85
C ALA A 23 -3.56 12.94 -1.99
N ILE A 24 -4.38 11.94 -2.29
CA ILE A 24 -4.03 11.10 -3.43
C ILE A 24 -4.81 11.45 -4.69
N THR A 25 -6.04 11.97 -4.56
CA THR A 25 -6.81 12.21 -5.79
C THR A 25 -6.42 13.52 -6.47
N GLU A 26 -5.77 14.42 -5.75
CA GLU A 26 -5.48 15.72 -6.37
C GLU A 26 -4.00 15.95 -6.71
N PHE A 27 -3.12 15.01 -6.39
CA PHE A 27 -1.68 15.26 -6.54
C PHE A 27 -0.91 14.09 -7.12
N GLY A 28 0.16 14.42 -7.82
CA GLY A 28 1.15 13.45 -8.22
C GLY A 28 0.64 12.41 -9.21
N VAL A 29 1.23 11.24 -9.14
CA VAL A 29 0.93 10.12 -10.02
C VAL A 29 -0.50 9.63 -9.86
N THR A 30 -0.96 9.51 -8.61
CA THR A 30 -2.33 9.06 -8.37
C THR A 30 -3.31 10.14 -8.82
N GLY A 31 -2.95 11.40 -8.60
CA GLY A 31 -3.77 12.51 -9.06
C GLY A 31 -3.95 12.45 -10.58
N ARG A 32 -2.87 12.19 -11.30
CA ARG A 32 -2.98 12.06 -12.75
C ARG A 32 -3.85 10.86 -13.13
N ALA A 33 -3.65 9.73 -12.45
CA ALA A 33 -4.48 8.53 -12.71
C ALA A 33 -5.96 8.86 -12.61
N VAL A 34 -6.33 9.62 -11.57
CA VAL A 34 -7.73 10.00 -11.37
C VAL A 34 -8.20 10.93 -12.47
N LYS A 35 -7.42 11.95 -12.77
CA LYS A 35 -7.77 12.87 -13.86
C LYS A 35 -7.96 12.15 -15.21
N HIS A 36 -7.10 11.18 -15.48
CA HIS A 36 -7.15 10.45 -16.76
C HIS A 36 -8.15 9.29 -16.75
N ASN A 37 -8.96 9.20 -15.69
CA ASN A 37 -9.96 8.13 -15.53
C ASN A 37 -9.37 6.72 -15.52
N LEU A 38 -8.12 6.58 -15.08
CA LEU A 38 -7.53 5.25 -14.93
C LEU A 38 -7.91 4.72 -13.55
N LEU A 39 -8.13 5.65 -12.64
CA LEU A 39 -8.48 5.33 -11.26
C LEU A 39 -9.67 6.15 -10.86
N LYS A 40 -10.67 5.52 -10.26
CA LYS A 40 -11.77 6.27 -9.71
C LYS A 40 -11.83 5.99 -8.23
N VAL A 41 -11.85 7.04 -7.43
CA VAL A 41 -11.96 6.87 -6.00
C VAL A 41 -13.25 7.57 -5.56
N GLU A 42 -14.12 6.81 -4.91
CA GLU A 42 -15.43 7.33 -4.54
C GLU A 42 -15.66 7.13 -3.04
N CYS A 43 -16.02 8.20 -2.33
CA CYS A 43 -16.10 8.14 -0.86
C CYS A 43 -17.53 8.27 -0.34
N TRP A 44 -17.83 7.47 0.68
CA TRP A 44 -19.09 7.56 1.44
C TRP A 44 -18.74 7.77 2.90
N ASN A 45 -19.41 8.73 3.52
CA ASN A 45 -19.14 9.13 4.91
C ASN A 45 -20.27 8.64 5.80
N PRO A 46 -19.98 7.74 6.75
CA PRO A 46 -21.06 7.27 7.65
C PRO A 46 -21.84 8.42 8.30
N ARG A 47 -21.20 9.57 8.48
CA ARG A 47 -21.92 10.70 9.08
C ARG A 47 -23.15 11.06 8.24
N ASP A 48 -23.09 10.83 6.94
CA ASP A 48 -24.23 11.15 6.08
C ASP A 48 -25.39 10.16 6.19
N PHE A 49 -25.13 9.04 6.85
CA PHE A 49 -26.13 7.98 7.03
C PHE A 49 -26.70 7.95 8.45
N THR A 50 -26.38 8.97 9.24
CA THR A 50 -26.95 9.11 10.58
C THR A 50 -28.33 9.74 10.49
N PHE A 51 -29.12 9.58 11.54
CA PHE A 51 -30.45 10.20 11.58
C PHE A 51 -30.68 11.12 12.78
N ASP A 52 -29.80 11.05 13.77
CA ASP A 52 -30.00 11.86 14.97
C ASP A 52 -29.47 13.26 14.73
N LYS A 53 -29.91 14.19 15.57
CA LYS A 53 -29.61 15.61 15.39
C LYS A 53 -28.10 15.88 15.39
N HIS A 54 -27.36 15.14 16.20
CA HIS A 54 -25.94 15.39 16.31
C HIS A 54 -25.08 14.47 15.45
N LYS A 55 -25.71 13.73 14.53
CA LYS A 55 -24.99 12.93 13.54
C LYS A 55 -23.94 12.01 14.19
N THR A 56 -24.40 11.22 15.14
CA THR A 56 -23.52 10.41 15.97
C THR A 56 -22.97 9.21 15.21
N VAL A 57 -21.64 9.07 15.21
CA VAL A 57 -21.02 7.99 14.46
C VAL A 57 -20.20 7.03 15.33
N ASP A 58 -20.17 7.26 16.64
CA ASP A 58 -19.50 6.30 17.52
C ASP A 58 -20.50 5.70 18.51
N ASP A 59 -20.11 4.65 19.22
CA ASP A 59 -21.01 3.96 20.16
C ASP A 59 -20.16 3.22 21.16
N ARG A 60 -20.74 2.94 22.32
CA ARG A 60 -20.00 2.33 23.43
C ARG A 60 -19.86 0.83 23.27
N PRO A 61 -18.68 0.28 23.60
CA PRO A 61 -18.49 -1.16 23.51
C PRO A 61 -19.17 -1.91 24.65
N TYR A 62 -19.84 -3.00 24.31
CA TYR A 62 -20.34 -3.89 25.34
C TYR A 62 -19.16 -4.37 26.16
N GLY A 63 -19.34 -4.48 27.46
CA GLY A 63 -18.31 -4.99 28.35
C GLY A 63 -17.45 -3.90 28.92
N GLY A 64 -17.74 -2.66 28.52
CA GLY A 64 -17.01 -1.51 29.01
C GLY A 64 -15.62 -1.36 28.42
N GLY A 65 -14.80 -0.56 29.08
CA GLY A 65 -13.49 -0.22 28.54
C GLY A 65 -13.44 1.27 28.22
N PRO A 66 -12.23 1.79 27.97
CA PRO A 66 -12.03 3.22 27.81
C PRO A 66 -12.42 3.77 26.44
N GLY A 67 -12.55 2.90 25.44
CA GLY A 67 -12.68 3.35 24.06
C GLY A 67 -14.10 3.32 23.51
N MET A 68 -14.23 3.76 22.27
CA MET A 68 -15.50 3.68 21.56
C MET A 68 -15.30 2.83 20.32
N LEU A 69 -16.40 2.44 19.70
CA LEU A 69 -16.37 1.80 18.39
C LEU A 69 -17.15 2.66 17.42
N MET A 70 -16.97 2.40 16.13
CA MET A 70 -17.83 3.02 15.16
CA MET A 70 -17.83 2.95 15.10
C MET A 70 -19.25 2.50 15.36
N MET A 71 -20.21 3.41 15.26
CA MET A 71 -21.62 3.02 15.41
C MET A 71 -22.03 2.12 14.24
N VAL A 72 -22.74 1.04 14.56
CA VAL A 72 -23.02 0.03 13.53
C VAL A 72 -23.93 0.55 12.40
N GLN A 73 -25.08 1.12 12.74
CA GLN A 73 -26.08 1.44 11.72
C GLN A 73 -25.57 2.43 10.63
N PRO A 74 -24.92 3.55 11.02
CA PRO A 74 -24.45 4.43 9.94
C PRO A 74 -23.36 3.77 9.10
N LEU A 75 -22.49 3.00 9.73
CA LEU A 75 -21.39 2.36 9.02
C LEU A 75 -21.91 1.28 8.09
N ARG A 76 -22.82 0.45 8.62
CA ARG A 76 -23.43 -0.61 7.84
C ARG A 76 -24.16 -0.04 6.61
N ASP A 77 -24.94 1.02 6.82
CA ASP A 77 -25.67 1.64 5.72
C ASP A 77 -24.72 2.24 4.67
N ALA A 78 -23.62 2.85 5.11
CA ALA A 78 -22.64 3.40 4.17
C ALA A 78 -22.03 2.29 3.31
N ILE A 79 -21.64 1.20 3.97
CA ILE A 79 -21.08 0.05 3.27
C ILE A 79 -22.06 -0.51 2.25
N HIS A 80 -23.32 -0.67 2.64
CA HIS A 80 -24.32 -1.21 1.72
C HIS A 80 -24.48 -0.31 0.50
N THR A 81 -24.44 0.99 0.73
CA THR A 81 -24.55 1.97 -0.34
C THR A 81 -23.36 1.86 -1.30
N ALA A 82 -22.17 1.71 -0.74
CA ALA A 82 -20.98 1.55 -1.57
C ALA A 82 -21.05 0.26 -2.39
N LYS A 83 -21.56 -0.82 -1.79
CA LYS A 83 -21.69 -2.10 -2.48
C LYS A 83 -22.68 -1.98 -3.65
N ALA A 84 -23.78 -1.26 -3.43
CA ALA A 84 -24.76 -1.06 -4.49
C ALA A 84 -24.16 -0.29 -5.67
N ALA A 85 -23.37 0.74 -5.37
CA ALA A 85 -22.70 1.50 -6.41
C ALA A 85 -21.67 0.67 -7.17
N ALA A 86 -21.03 -0.27 -6.46
CA ALA A 86 -19.95 -1.05 -7.05
C ALA A 86 -20.48 -2.11 -8.02
N GLY A 87 -21.68 -2.61 -7.74
CA GLY A 87 -22.21 -3.72 -8.51
C GLY A 87 -21.49 -4.98 -8.07
N GLU A 88 -21.53 -6.00 -8.91
CA GLU A 88 -20.96 -7.30 -8.55
C GLU A 88 -19.45 -7.36 -8.71
N GLY A 89 -18.81 -8.18 -7.86
CA GLY A 89 -17.39 -8.42 -7.98
C GLY A 89 -16.50 -7.51 -7.15
N ALA A 90 -17.09 -6.66 -6.33
CA ALA A 90 -16.30 -5.79 -5.47
C ALA A 90 -15.90 -6.54 -4.20
N LYS A 91 -14.61 -6.48 -3.88
CA LYS A 91 -14.08 -7.07 -2.67
C LYS A 91 -14.00 -6.00 -1.58
N VAL A 92 -14.55 -6.30 -0.42
CA VAL A 92 -14.63 -5.33 0.68
C VAL A 92 -13.52 -5.59 1.70
N ILE A 93 -12.72 -4.56 1.96
CA ILE A 93 -11.51 -4.69 2.76
C ILE A 93 -11.58 -3.84 4.01
N TYR A 94 -11.23 -4.43 5.14
CA TYR A 94 -11.07 -3.64 6.35
C TYR A 94 -9.57 -3.54 6.67
N LEU A 95 -9.11 -2.33 6.92
CA LEU A 95 -7.69 -2.11 7.26
C LEU A 95 -7.51 -2.05 8.78
N SER A 96 -6.62 -2.88 9.32
CA SER A 96 -6.37 -2.88 10.76
C SER A 96 -5.09 -3.63 11.06
N PRO A 97 -4.52 -3.45 12.27
CA PRO A 97 -3.31 -4.19 12.66
C PRO A 97 -3.57 -5.70 12.82
N GLN A 98 -4.84 -6.11 12.84
CA GLN A 98 -5.18 -7.52 13.01
CA GLN A 98 -5.20 -7.52 13.01
C GLN A 98 -5.32 -8.23 11.66
N GLY A 99 -5.02 -7.53 10.57
CA GLY A 99 -5.17 -8.09 9.24
C GLY A 99 -3.92 -8.73 8.67
N ARG A 100 -4.08 -9.35 7.50
CA ARG A 100 -2.96 -9.93 6.77
C ARG A 100 -1.93 -8.84 6.43
N LYS A 101 -0.67 -9.13 6.71
CA LYS A 101 0.37 -8.14 6.52
C LYS A 101 0.59 -7.85 5.04
N LEU A 102 0.43 -6.59 4.65
CA LEU A 102 0.61 -6.20 3.26
C LEU A 102 2.08 -6.25 2.85
N ASP A 103 2.36 -6.89 1.71
CA ASP A 103 3.65 -6.76 1.05
C ASP A 103 3.41 -6.63 -0.45
N GLN A 104 4.48 -6.59 -1.25
CA GLN A 104 4.33 -6.29 -2.66
C GLN A 104 3.57 -7.41 -3.39
N GLY A 105 3.80 -8.66 -2.98
CA GLY A 105 3.02 -9.76 -3.48
C GLY A 105 1.54 -9.57 -3.17
N GLY A 106 1.25 -9.11 -1.95
CA GLY A 106 -0.12 -8.84 -1.55
C GLY A 106 -0.71 -7.71 -2.36
N VAL A 107 0.10 -6.68 -2.63
CA VAL A 107 -0.36 -5.57 -3.47
C VAL A 107 -0.75 -6.08 -4.86
N THR A 108 0.11 -6.91 -5.45
CA THR A 108 -0.14 -7.45 -6.78
C THR A 108 -1.41 -8.31 -6.79
N GLU A 109 -1.66 -8.98 -5.68
CA GLU A 109 -2.90 -9.75 -5.52
C GLU A 109 -4.15 -8.87 -5.49
N LEU A 110 -4.10 -7.83 -4.66
CA LEU A 110 -5.24 -6.93 -4.53
C LEU A 110 -5.49 -6.16 -5.83
N ALA A 111 -4.41 -5.87 -6.54
CA ALA A 111 -4.48 -5.12 -7.79
C ALA A 111 -5.19 -5.88 -8.91
N GLN A 112 -5.36 -7.20 -8.74
CA GLN A 112 -6.07 -8.00 -9.75
C GLN A 112 -7.57 -7.75 -9.68
N ASN A 113 -8.01 -7.12 -8.60
CA ASN A 113 -9.42 -6.74 -8.42
C ASN A 113 -9.75 -5.48 -9.20
N GLN A 114 -10.85 -5.50 -9.92
CA GLN A 114 -11.27 -4.36 -10.70
C GLN A 114 -11.99 -3.36 -9.81
N LYS A 115 -12.62 -3.87 -8.76
CA LYS A 115 -13.35 -3.05 -7.79
C LYS A 115 -12.99 -3.44 -6.36
N LEU A 116 -12.66 -2.43 -5.55
CA LEU A 116 -12.38 -2.61 -4.15
C LEU A 116 -13.24 -1.64 -3.36
N ILE A 117 -13.68 -2.06 -2.18
CA ILE A 117 -14.24 -1.13 -1.21
C ILE A 117 -13.40 -1.19 0.05
N LEU A 118 -12.89 -0.02 0.46
CA LEU A 118 -11.99 0.05 1.61
C LEU A 118 -12.71 0.72 2.77
N VAL A 119 -12.83 0.00 3.88
CA VAL A 119 -13.54 0.52 5.04
C VAL A 119 -12.52 1.06 6.04
N CYS A 120 -12.60 2.35 6.35
CA CYS A 120 -11.62 2.99 7.22
C CYS A 120 -12.17 3.09 8.63
N GLY A 121 -11.58 2.34 9.55
CA GLY A 121 -11.99 2.36 10.93
C GLY A 121 -11.42 3.55 11.69
N ARG A 122 -12.14 3.97 12.71
CA ARG A 122 -11.67 4.97 13.65
C ARG A 122 -11.97 4.43 15.05
N TYR A 123 -11.59 5.15 16.09
CA TYR A 123 -11.84 4.73 17.47
C TYR A 123 -11.19 3.37 17.70
N GLU A 124 -11.87 2.47 18.42
CA GLU A 124 -11.30 1.12 18.62
C GLU A 124 -11.80 0.16 17.55
N GLY A 125 -12.32 0.71 16.46
CA GLY A 125 -12.58 -0.08 15.27
C GLY A 125 -14.06 -0.37 15.07
N ILE A 126 -14.36 -1.50 14.43
CA ILE A 126 -15.75 -1.80 14.09
C ILE A 126 -16.18 -3.09 14.76
N ASP A 127 -17.50 -3.23 14.90
CA ASP A 127 -18.12 -4.40 15.51
C ASP A 127 -17.66 -5.69 14.84
N GLU A 128 -17.24 -6.67 15.63
CA GLU A 128 -16.76 -7.95 15.09
C GLU A 128 -17.77 -8.62 14.15
N ARG A 129 -19.05 -8.44 14.41
CA ARG A 129 -20.07 -9.05 13.57
C ARG A 129 -20.16 -8.40 12.18
N LEU A 130 -19.75 -7.13 12.07
CA LEU A 130 -19.67 -6.47 10.76
C LEU A 130 -18.50 -7.04 9.96
N ILE A 131 -17.44 -7.39 10.67
CA ILE A 131 -16.32 -8.03 10.00
C ILE A 131 -16.80 -9.37 9.44
N GLN A 132 -17.55 -10.10 10.24
CA GLN A 132 -18.12 -11.37 9.81
C GLN A 132 -19.09 -11.21 8.64
N THR A 133 -19.95 -10.20 8.69
CA THR A 133 -21.04 -10.12 7.72
C THR A 133 -20.75 -9.23 6.50
N GLU A 134 -19.79 -8.30 6.60
CA GLU A 134 -19.62 -7.32 5.53
C GLU A 134 -18.22 -7.29 4.93
N ILE A 135 -17.22 -7.81 5.66
CA ILE A 135 -15.84 -7.67 5.22
C ILE A 135 -15.35 -8.96 4.56
N ASP A 136 -14.75 -8.84 3.38
CA ASP A 136 -14.22 -10.01 2.69
C ASP A 136 -12.83 -10.35 3.21
N GLU A 137 -11.99 -9.34 3.33
CA GLU A 137 -10.60 -9.54 3.72
C GLU A 137 -10.14 -8.43 4.67
N GLU A 138 -9.34 -8.81 5.66
CA GLU A 138 -8.73 -7.82 6.55
C GLU A 138 -7.23 -7.74 6.27
N TRP A 139 -6.72 -6.53 6.06
CA TRP A 139 -5.29 -6.33 5.75
C TRP A 139 -4.65 -5.29 6.66
N SER A 140 -3.37 -5.48 6.97
CA SER A 140 -2.57 -4.52 7.71
C SER A 140 -1.45 -3.98 6.85
N ILE A 141 -1.19 -2.67 6.94
CA ILE A 141 -0.09 -2.08 6.19
C ILE A 141 1.22 -2.14 6.99
N GLY A 142 1.13 -2.57 8.24
CA GLY A 142 2.33 -2.74 9.05
C GLY A 142 2.02 -2.94 10.51
N ASP A 143 2.99 -3.48 11.25
CA ASP A 143 2.81 -3.73 12.68
C ASP A 143 3.04 -2.48 13.52
N TYR A 144 2.20 -1.47 13.29
CA TYR A 144 2.22 -0.26 14.09
C TYR A 144 0.81 0.29 14.11
N VAL A 145 0.54 1.18 15.07
CA VAL A 145 -0.82 1.63 15.31
C VAL A 145 -1.03 3.07 14.90
N LEU A 146 -2.04 3.30 14.06
CA LEU A 146 -2.36 4.63 13.58
C LEU A 146 -3.66 5.12 14.20
N THR A 147 -4.05 6.36 13.90
CA THR A 147 -5.26 6.94 14.49
C THR A 147 -6.50 6.54 13.70
N GLY A 148 -6.32 5.95 12.53
CA GLY A 148 -7.48 5.49 11.78
C GLY A 148 -7.07 4.78 10.50
N GLY A 149 -8.03 4.25 9.77
CA GLY A 149 -7.73 3.49 8.56
C GLY A 149 -7.49 4.30 7.29
N GLU A 150 -7.62 5.62 7.37
CA GLU A 150 -7.51 6.45 6.17
C GLU A 150 -6.11 6.42 5.53
N LEU A 151 -5.07 6.63 6.32
CA LEU A 151 -3.72 6.56 5.76
C LEU A 151 -3.41 5.16 5.21
N PRO A 152 -3.79 4.09 5.95
CA PRO A 152 -3.63 2.77 5.35
C PRO A 152 -4.37 2.60 4.02
N ALA A 153 -5.60 3.12 3.93
CA ALA A 153 -6.37 2.98 2.70
C ALA A 153 -5.68 3.74 1.56
N MET A 154 -5.21 4.94 1.85
CA MET A 154 -4.54 5.75 0.83
CA MET A 154 -4.52 5.78 0.87
C MET A 154 -3.24 5.08 0.38
N THR A 155 -2.52 4.51 1.34
CA THR A 155 -1.31 3.74 1.04
C THR A 155 -1.60 2.56 0.11
N LEU A 156 -2.66 1.82 0.42
CA LEU A 156 -3.07 0.68 -0.41
C LEU A 156 -3.43 1.16 -1.81
N ILE A 157 -4.21 2.24 -1.90
CA ILE A 157 -4.66 2.79 -3.19
C ILE A 157 -3.46 3.17 -4.05
N ASP A 158 -2.51 3.85 -3.41
CA ASP A 158 -1.30 4.28 -4.10
C ASP A 158 -0.52 3.07 -4.62
N ALA A 159 -0.36 2.04 -3.80
CA ALA A 159 0.42 0.88 -4.19
C ALA A 159 -0.23 0.11 -5.34
N VAL A 160 -1.55 -0.08 -5.28
CA VAL A 160 -2.21 -0.85 -6.35
C VAL A 160 -2.32 -0.02 -7.63
N ALA A 161 -2.42 1.30 -7.49
CA ALA A 161 -2.52 2.18 -8.63
C ALA A 161 -1.34 2.06 -9.58
N ARG A 162 -0.17 1.75 -9.02
CA ARG A 162 1.03 1.59 -9.84
C ARG A 162 0.90 0.44 -10.85
N PHE A 163 -0.04 -0.47 -10.62
CA PHE A 163 -0.24 -1.61 -11.52
C PHE A 163 -1.28 -1.37 -12.60
N ILE A 164 -1.98 -0.25 -12.54
CA ILE A 164 -2.90 0.11 -13.60
C ILE A 164 -2.09 0.60 -14.79
N PRO A 165 -2.30 -0.01 -15.96
CA PRO A 165 -1.56 0.40 -17.16
C PRO A 165 -1.81 1.88 -17.48
N GLY A 166 -0.75 2.60 -17.82
CA GLY A 166 -0.87 4.01 -18.13
C GLY A 166 -0.56 4.92 -16.95
N VAL A 167 -0.60 4.37 -15.74
CA VAL A 167 -0.40 5.21 -14.56
C VAL A 167 1.07 5.59 -14.42
N LEU A 168 1.97 4.63 -14.63
CA LEU A 168 3.39 4.94 -14.53
C LEU A 168 3.91 5.39 -15.90
N GLY A 169 4.94 6.24 -15.87
CA GLY A 169 5.52 6.75 -17.11
C GLY A 169 6.28 5.69 -17.88
N ASP A 181 12.20 -7.55 -8.16
CA ASP A 181 12.73 -8.91 -8.24
C ASP A 181 13.06 -9.47 -6.86
N GLY A 182 12.54 -8.82 -5.82
CA GLY A 182 12.68 -9.34 -4.47
C GLY A 182 13.83 -8.75 -3.70
N LEU A 183 14.64 -7.95 -4.38
CA LEU A 183 15.85 -7.37 -3.79
C LEU A 183 15.70 -5.89 -3.52
N LEU A 184 16.47 -5.36 -2.57
CA LEU A 184 16.55 -3.92 -2.37
C LEU A 184 17.19 -3.27 -3.59
N ASP A 185 17.01 -1.96 -3.72
CA ASP A 185 17.48 -1.22 -4.89
C ASP A 185 18.98 -0.92 -4.77
N CYS A 186 19.63 -0.68 -5.91
CA CYS A 186 21.03 -0.27 -5.92
C CYS A 186 21.12 1.24 -5.61
N PRO A 187 22.31 1.73 -5.24
CA PRO A 187 22.49 3.18 -5.11
C PRO A 187 22.32 3.87 -6.47
N HIS A 188 21.78 5.09 -6.45
CA HIS A 188 21.68 5.87 -7.67
C HIS A 188 22.41 7.19 -7.48
N TYR A 189 22.89 7.76 -8.58
CA TYR A 189 23.67 8.99 -8.56
C TYR A 189 23.22 9.90 -9.69
N THR A 190 23.22 11.20 -9.41
CA THR A 190 22.95 12.17 -10.45
C THR A 190 23.95 13.33 -10.26
N ARG A 191 23.79 14.39 -11.04
CA ARG A 191 24.72 15.52 -10.97
C ARG A 191 24.74 16.12 -9.58
N PRO A 192 25.90 16.62 -9.13
CA PRO A 192 27.20 16.75 -9.83
C PRO A 192 28.10 15.52 -9.71
N GLU A 193 29.16 15.49 -10.50
CA GLU A 193 30.08 14.36 -10.49
C GLU A 193 30.75 14.20 -9.12
N VAL A 194 30.98 15.30 -8.43
CA VAL A 194 31.54 15.27 -7.08
C VAL A 194 30.66 16.06 -6.13
N LEU A 195 30.30 15.46 -4.99
CA LEU A 195 29.40 16.07 -4.03
C LEU A 195 29.96 15.89 -2.62
N GLU A 196 30.29 17.01 -1.99
CA GLU A 196 31.05 17.02 -0.74
C GLU A 196 32.18 15.99 -0.72
N GLY A 197 32.99 15.99 -1.78
CA GLY A 197 34.16 15.14 -1.87
C GLY A 197 33.87 13.72 -2.33
N LEU A 198 32.59 13.37 -2.42
CA LEU A 198 32.17 12.02 -2.81
C LEU A 198 31.92 11.91 -4.29
N THR A 199 32.55 10.94 -4.92
CA THR A 199 32.52 10.81 -6.37
C THR A 199 31.51 9.77 -6.83
N VAL A 200 31.11 9.87 -8.09
CA VAL A 200 30.26 8.85 -8.70
C VAL A 200 31.14 7.68 -9.10
N PRO A 201 30.70 6.44 -8.78
CA PRO A 201 31.43 5.24 -9.22
C PRO A 201 31.72 5.29 -10.72
N PRO A 202 33.00 5.17 -11.10
CA PRO A 202 33.45 5.32 -12.49
C PRO A 202 32.70 4.43 -13.47
N VAL A 203 32.34 3.22 -13.05
CA VAL A 203 31.58 2.33 -13.92
C VAL A 203 30.31 3.01 -14.46
N LEU A 204 29.63 3.79 -13.63
CA LEU A 204 28.40 4.47 -14.08
C LEU A 204 28.68 5.54 -15.14
N MET A 205 29.94 5.99 -15.22
CA MET A 205 30.35 6.96 -16.24
C MET A 205 30.87 6.30 -17.50
N SER A 206 31.15 5.00 -17.43
CA SER A 206 31.86 4.27 -18.48
C SER A 206 31.09 4.12 -19.79
N GLY A 207 29.76 4.15 -19.71
CA GLY A 207 28.93 3.94 -20.88
C GLY A 207 28.83 2.47 -21.26
N HIS A 208 29.43 1.60 -20.46
CA HIS A 208 29.39 0.16 -20.72
C HIS A 208 28.14 -0.43 -20.08
N HIS A 209 27.08 -0.56 -20.88
CA HIS A 209 25.77 -0.91 -20.37
C HIS A 209 25.74 -2.22 -19.59
N GLU A 210 26.49 -3.21 -20.06
CA GLU A 210 26.47 -4.52 -19.42
C GLU A 210 27.19 -4.49 -18.06
N GLU A 211 28.33 -3.81 -18.00
CA GLU A 211 29.03 -3.65 -16.72
C GLU A 211 28.17 -2.87 -15.72
N ILE A 212 27.46 -1.88 -16.22
CA ILE A 212 26.60 -1.06 -15.36
C ILE A 212 25.45 -1.91 -14.81
N ARG A 213 24.84 -2.72 -15.68
CA ARG A 213 23.77 -3.62 -15.24
C ARG A 213 24.27 -4.55 -14.14
N LYS A 214 25.42 -5.19 -14.38
CA LYS A 214 25.95 -6.15 -13.42
C LYS A 214 26.37 -5.46 -12.11
N TRP A 215 26.92 -4.26 -12.21
CA TRP A 215 27.28 -3.49 -11.02
C TRP A 215 26.04 -3.17 -10.18
N ARG A 216 24.97 -2.71 -10.83
CA ARG A 216 23.73 -2.39 -10.12
C ARG A 216 23.12 -3.61 -9.45
N LEU A 217 23.09 -4.72 -10.17
CA LEU A 217 22.56 -5.96 -9.62
C LEU A 217 23.40 -6.45 -8.44
N LYS A 218 24.72 -6.38 -8.59
CA LYS A 218 25.62 -6.75 -7.50
C LYS A 218 25.41 -5.89 -6.25
N GLN A 219 25.27 -4.57 -6.43
CA GLN A 219 24.98 -3.67 -5.31
C GLN A 219 23.65 -4.00 -4.64
N SER A 220 22.65 -4.33 -5.46
CA SER A 220 21.33 -4.71 -4.97
CA SER A 220 21.34 -4.69 -4.93
C SER A 220 21.43 -5.95 -4.09
N LEU A 221 22.17 -6.94 -4.56
CA LEU A 221 22.38 -8.17 -3.81
C LEU A 221 23.14 -7.90 -2.53
N GLN A 222 24.20 -7.10 -2.61
CA GLN A 222 24.98 -6.74 -1.42
C GLN A 222 24.13 -6.01 -0.35
N ARG A 223 23.34 -5.04 -0.77
CA ARG A 223 22.52 -4.27 0.14
C ARG A 223 21.43 -5.14 0.77
N THR A 224 20.86 -6.05 -0.03
CA THR A 224 19.83 -6.93 0.51
C THR A 224 20.45 -7.83 1.58
N TRP A 225 21.62 -8.39 1.27
CA TRP A 225 22.33 -9.25 2.20
C TRP A 225 22.70 -8.54 3.50
N LEU A 226 23.19 -7.32 3.39
CA LEU A 226 23.61 -6.56 4.58
C LEU A 226 22.45 -6.03 5.40
N ARG A 227 21.38 -5.59 4.74
CA ARG A 227 20.28 -4.91 5.43
C ARG A 227 19.10 -5.82 5.74
N ARG A 228 18.79 -6.71 4.82
CA ARG A 228 17.59 -7.55 4.91
C ARG A 228 17.88 -8.98 4.48
N PRO A 229 18.80 -9.66 5.20
CA PRO A 229 19.27 -11.00 4.81
C PRO A 229 18.12 -12.00 4.68
N GLU A 230 17.05 -11.78 5.42
CA GLU A 230 15.92 -12.70 5.40
C GLU A 230 15.17 -12.65 4.07
N LEU A 231 15.23 -11.50 3.39
CA LEU A 231 14.62 -11.41 2.06
C LEU A 231 15.31 -12.35 1.06
N LEU A 232 16.61 -12.54 1.23
CA LEU A 232 17.39 -13.42 0.37
C LEU A 232 16.97 -14.88 0.53
N GLU A 233 16.53 -15.24 1.72
CA GLU A 233 16.11 -16.61 2.00
C GLU A 233 14.89 -16.99 1.18
N GLY A 234 14.04 -16.01 0.90
CA GLY A 234 12.80 -16.26 0.20
C GLY A 234 12.99 -16.34 -1.31
N LEU A 235 14.21 -16.14 -1.76
CA LEU A 235 14.48 -16.11 -3.19
C LEU A 235 15.22 -17.34 -3.68
N ALA A 236 14.94 -17.69 -4.92
CA ALA A 236 15.70 -18.68 -5.66
C ALA A 236 16.60 -17.89 -6.59
N LEU A 237 17.81 -17.60 -6.14
CA LEU A 237 18.70 -16.72 -6.91
C LEU A 237 19.09 -17.33 -8.24
N THR A 238 19.15 -16.50 -9.27
CA THR A 238 19.62 -16.98 -10.55
C THR A 238 21.10 -17.27 -10.47
N ASP A 239 21.62 -18.00 -11.45
CA ASP A 239 23.05 -18.30 -11.51
CA ASP A 239 23.04 -18.29 -11.55
C ASP A 239 23.88 -17.01 -11.43
N GLU A 240 23.50 -16.01 -12.21
CA GLU A 240 24.21 -14.74 -12.23
C GLU A 240 24.14 -14.06 -10.88
N GLN A 241 22.97 -14.11 -10.23
CA GLN A 241 22.82 -13.48 -8.93
C GLN A 241 23.65 -14.19 -7.87
N ARG A 242 23.73 -15.51 -7.93
CA ARG A 242 24.54 -16.28 -6.98
C ARG A 242 26.02 -15.88 -7.09
N LYS A 243 26.50 -15.76 -8.33
CA LYS A 243 27.86 -15.31 -8.60
C LYS A 243 28.13 -13.94 -8.02
N LEU A 244 27.28 -12.97 -8.35
CA LEU A 244 27.52 -11.59 -7.96
C LEU A 244 27.40 -11.44 -6.46
N LEU A 245 26.50 -12.20 -5.84
CA LEU A 245 26.37 -12.18 -4.39
C LEU A 245 27.63 -12.72 -3.71
N LYS A 246 28.17 -13.81 -4.24
CA LYS A 246 29.41 -14.37 -3.72
C LYS A 246 30.55 -13.36 -3.86
N GLU A 247 30.62 -12.68 -4.99
CA GLU A 247 31.65 -11.65 -5.19
C GLU A 247 31.48 -10.53 -4.16
N ALA A 248 30.26 -10.04 -3.98
CA ALA A 248 30.01 -8.97 -3.02
C ALA A 248 30.40 -9.36 -1.59
N GLN A 249 30.09 -10.60 -1.23
CA GLN A 249 30.43 -11.10 0.10
C GLN A 249 31.94 -11.27 0.24
N ALA A 250 32.60 -11.75 -0.81
CA ALA A 250 34.06 -11.85 -0.80
C ALA A 250 34.74 -10.49 -0.60
N GLU A 251 34.19 -9.47 -1.24
CA GLU A 251 34.74 -8.12 -1.17
C GLU A 251 34.47 -7.49 0.19
N HIS A 252 33.30 -7.79 0.75
CA HIS A 252 32.95 -7.32 2.08
C HIS A 252 33.91 -7.87 3.10
N ASN A 253 34.26 -9.14 2.95
CA ASN A 253 35.24 -9.79 3.84
C ASN A 253 36.67 -9.44 3.42
N SER A 254 36.78 -8.36 2.64
CA SER A 254 38.04 -7.87 2.10
C SER A 254 38.79 -8.96 1.34
#